data_5RHJ
#
_entry.id   5RHJ
#
_cell.length_a   53.720
_cell.length_b   68.630
_cell.length_c   57.050
_cell.angle_alpha   90.000
_cell.angle_beta   92.180
_cell.angle_gamma   90.000
#
_symmetry.space_group_name_H-M   'P 1 21 1'
#
loop_
_entity.id
_entity.type
_entity.pdbx_description
1 polymer 'NS3 Helicase'
2 non-polymer 1,2-ETHANEDIOL
3 non-polymer 'PHOSPHATE ION'
4 non-polymer (4S)-2-METHYL-2,4-PENTANEDIOL
5 non-polymer 2-[(methylsulfonyl)methyl]-1H-benzimidazole
6 water water
#
_entity_poly.entity_id   1
_entity_poly.type   'polypeptide(L)'
_entity_poly.pdbx_seq_one_letter_code
;MLKKKQLTVLDLHPGAGKTRRVLPEIVREAIKKRLRTVILAPTRVVAAEMEEALRGLPVRYMTTAVNVTHSGTEIVDLMC
HATFTSRLLQPIRVPNYNLNIMDEAHFTDPSSIAARGYISTRVEMGEAAAIFMTATPPGTRDAFPDSNSPIMDTEVEVPE
RAWSSGFDWVTDHSGKTVWFVPSVRNGNEIAACLTKAGKRVIQLSRKTFETEFQKTKNQEWDFVITTDISEMGANFKADR
VIDSRRCLKPVILDGERVILAGPMPVTHASAAQRRGRIGRNPNKPGDEYMYGGGCAETDEGHAHWLEARMLLDNIYLQDG
LIASLYRPEADKVAAIEGEFKLRTEQRKTFVELMKRGDLPVWLAYQVASAGITYTDRRWCFDGTTNNTIMEDSVPAEVWT
KYGEKRVLKPRWMDARVCSDHAALKSFKEFAAGKR
;
_entity_poly.pdbx_strand_id   A
#
# COMPACT_ATOMS: atom_id res chain seq x y z
N MET A 1 2.35 25.36 10.94
CA MET A 1 2.30 24.37 9.84
C MET A 1 1.34 24.83 8.71
N LEU A 2 0.39 25.72 9.02
CA LEU A 2 -0.82 25.95 8.19
C LEU A 2 -0.60 27.11 7.17
N LYS A 3 0.66 27.48 6.90
CA LYS A 3 1.07 28.61 6.02
C LYS A 3 1.25 28.12 4.58
N LYS A 4 0.86 28.92 3.60
CA LYS A 4 0.98 28.54 2.17
C LYS A 4 2.45 28.19 1.91
N LYS A 5 2.69 27.24 1.02
CA LYS A 5 4.04 26.81 0.57
C LYS A 5 4.74 26.09 1.73
N GLN A 6 4.04 25.71 2.81
CA GLN A 6 4.75 24.91 3.85
C GLN A 6 4.39 23.44 3.62
N LEU A 7 5.39 22.58 3.49
CA LEU A 7 5.22 21.12 3.67
C LEU A 7 5.99 20.73 4.93
N THR A 8 5.28 20.25 5.93
CA THR A 8 5.83 19.78 7.23
C THR A 8 5.84 18.26 7.26
N VAL A 9 6.97 17.67 7.63
CA VAL A 9 7.10 16.21 7.88
C VAL A 9 7.00 16.08 9.38
N LEU A 10 5.87 15.56 9.82
CA LEU A 10 5.54 15.25 11.21
C LEU A 10 6.05 13.84 11.43
N ASP A 11 7.33 13.77 11.87
CA ASP A 11 8.19 12.55 11.94
C ASP A 11 8.39 12.17 13.43
N LEU A 12 7.41 12.39 14.28
CA LEU A 12 7.42 11.83 15.65
C LEU A 12 7.60 10.31 15.52
N HIS A 13 8.29 9.69 16.47
CA HIS A 13 8.50 8.22 16.47
C HIS A 13 7.18 7.45 16.43
N PRO A 14 7.19 6.18 15.97
CA PRO A 14 5.95 5.41 15.94
C PRO A 14 5.26 5.36 17.32
N GLY A 15 3.93 5.51 17.33
CA GLY A 15 3.10 5.55 18.55
C GLY A 15 3.26 6.84 19.37
N ALA A 16 3.92 7.88 18.86
CA ALA A 16 4.14 9.15 19.61
C ALA A 16 2.84 9.98 19.72
N GLY A 17 1.77 9.58 19.01
CA GLY A 17 0.43 10.21 19.08
C GLY A 17 0.11 11.13 17.90
N LYS A 18 0.83 11.01 16.79
CA LYS A 18 0.57 11.80 15.54
C LYS A 18 -0.92 11.70 15.18
N THR A 19 -1.51 10.51 15.17
CA THR A 19 -2.91 10.34 14.71
C THR A 19 -3.88 10.78 15.83
N ARG A 20 -3.71 10.28 17.06
CA ARG A 20 -4.74 10.44 18.13
C ARG A 20 -4.64 11.80 18.84
N ARG A 21 -3.46 12.41 18.92
CA ARG A 21 -3.28 13.68 19.69
C ARG A 21 -3.11 14.87 18.72
N VAL A 22 -2.10 14.84 17.84
CA VAL A 22 -1.70 15.98 16.97
C VAL A 22 -2.80 16.23 15.93
N LEU A 23 -3.29 15.18 15.27
CA LEU A 23 -4.21 15.38 14.12
C LEU A 23 -5.45 16.18 14.53
N PRO A 24 -6.19 15.87 15.62
CA PRO A 24 -7.36 16.68 15.97
C PRO A 24 -7.01 18.14 16.26
N GLU A 25 -5.83 18.39 16.86
CA GLU A 25 -5.35 19.77 17.09
C GLU A 25 -5.21 20.48 15.73
N ILE A 26 -4.52 19.86 14.76
CA ILE A 26 -4.38 20.41 13.38
C ILE A 26 -5.75 20.68 12.80
N VAL A 27 -6.68 19.73 12.87
CA VAL A 27 -8.02 19.90 12.26
C VAL A 27 -8.77 21.06 12.93
N ARG A 28 -8.77 21.19 14.25
CA ARG A 28 -9.49 22.32 14.87
C ARG A 28 -8.92 23.64 14.38
N GLU A 29 -7.60 23.74 14.30
CA GLU A 29 -6.92 24.96 13.86
C GLU A 29 -7.27 25.22 12.39
N ALA A 30 -7.32 24.20 11.54
CA ALA A 30 -7.69 24.39 10.12
C ALA A 30 -9.13 24.91 9.99
N ILE A 31 -10.07 24.36 10.75
CA ILE A 31 -11.49 24.79 10.73
C ILE A 31 -11.58 26.26 11.19
N LYS A 32 -10.87 26.62 12.25
CA LYS A 32 -10.80 28.02 12.79
C LYS A 32 -10.35 28.97 11.68
N LYS A 33 -9.33 28.55 10.91
CA LYS A 33 -8.74 29.36 9.82
C LYS A 33 -9.52 29.21 8.52
N ARG A 34 -10.63 28.45 8.46
CA ARG A 34 -11.46 28.25 7.23
C ARG A 34 -10.57 27.76 6.08
N LEU A 35 -9.68 26.80 6.37
CA LEU A 35 -8.86 26.09 5.35
C LEU A 35 -9.66 24.87 4.90
N ARG A 36 -9.98 24.82 3.62
CA ARG A 36 -10.55 23.59 3.02
C ARG A 36 -9.45 22.53 3.14
N THR A 37 -9.74 21.44 3.84
CA THR A 37 -8.69 20.49 4.29
C THR A 37 -9.05 19.10 3.78
N VAL A 38 -8.05 18.35 3.34
CA VAL A 38 -8.22 16.91 3.09
C VAL A 38 -7.32 16.15 4.06
N ILE A 39 -7.84 15.04 4.58
CA ILE A 39 -7.12 14.08 5.46
C ILE A 39 -7.14 12.75 4.70
N LEU A 40 -5.96 12.20 4.46
CA LEU A 40 -5.75 11.01 3.63
C LEU A 40 -5.29 9.84 4.52
N ALA A 41 -6.15 8.85 4.63
CA ALA A 41 -5.90 7.59 5.37
C ALA A 41 -5.40 6.53 4.41
N PRO A 42 -4.40 5.71 4.80
CA PRO A 42 -3.90 4.69 3.89
C PRO A 42 -4.92 3.57 3.62
N THR A 43 -5.77 3.28 4.61
CA THR A 43 -6.71 2.12 4.59
C THR A 43 -8.03 2.52 5.23
N ARG A 44 -9.07 1.74 4.95
N ARG A 44 -9.07 1.72 4.99
CA ARG A 44 -10.41 1.94 5.56
CA ARG A 44 -10.42 1.96 5.54
C ARG A 44 -10.29 1.74 7.06
C ARG A 44 -10.44 1.56 7.03
N VAL A 45 -9.44 0.80 7.48
CA VAL A 45 -9.23 0.52 8.92
C VAL A 45 -8.75 1.80 9.58
N VAL A 46 -7.76 2.50 9.00
CA VAL A 46 -7.28 3.77 9.58
C VAL A 46 -8.36 4.85 9.48
N ALA A 47 -9.12 4.92 8.41
CA ALA A 47 -10.20 5.92 8.25
C ALA A 47 -11.12 5.81 9.48
N ALA A 48 -11.53 4.58 9.83
CA ALA A 48 -12.45 4.31 10.96
C ALA A 48 -11.81 4.76 12.28
N GLU A 49 -10.53 4.48 12.52
CA GLU A 49 -9.78 4.94 13.72
C GLU A 49 -9.71 6.47 13.78
N MET A 50 -9.56 7.11 12.62
CA MET A 50 -9.50 8.59 12.59
C MET A 50 -10.85 9.16 13.02
N GLU A 51 -11.95 8.55 12.58
CA GLU A 51 -13.29 9.05 12.99
C GLU A 51 -13.32 9.11 14.51
N GLU A 52 -12.78 8.10 15.18
CA GLU A 52 -12.82 8.03 16.67
C GLU A 52 -11.93 9.15 17.23
N ALA A 53 -10.78 9.44 16.63
CA ALA A 53 -9.88 10.51 17.10
C ALA A 53 -10.50 11.87 16.85
N LEU A 54 -11.37 11.97 15.85
CA LEU A 54 -11.92 13.27 15.38
C LEU A 54 -13.36 13.37 15.80
N ARG A 55 -13.84 12.49 16.68
CA ARG A 55 -15.28 12.45 17.01
C ARG A 55 -15.74 13.85 17.46
N GLY A 56 -16.89 14.28 16.95
CA GLY A 56 -17.46 15.59 17.27
C GLY A 56 -17.03 16.68 16.31
N LEU A 57 -15.89 16.53 15.60
CA LEU A 57 -15.41 17.57 14.65
C LEU A 57 -16.14 17.46 13.33
N PRO A 58 -16.43 18.60 12.68
CA PRO A 58 -17.15 18.63 11.42
C PRO A 58 -16.25 18.15 10.28
N VAL A 59 -16.27 16.84 10.05
CA VAL A 59 -15.47 16.16 8.98
C VAL A 59 -16.41 15.37 8.08
N ARG A 60 -16.24 15.48 6.76
CA ARG A 60 -16.99 14.69 5.76
C ARG A 60 -16.16 13.44 5.44
N TYR A 61 -16.72 12.27 5.74
CA TYR A 61 -16.05 10.94 5.59
C TYR A 61 -16.41 10.38 4.23
N MET A 62 -15.49 10.48 3.29
CA MET A 62 -15.74 10.12 1.89
C MET A 62 -15.30 8.66 1.75
N THR A 63 -15.94 7.79 2.53
CA THR A 63 -15.62 6.35 2.64
C THR A 63 -16.84 5.67 3.26
N THR A 64 -17.32 4.54 2.72
CA THR A 64 -18.43 3.78 3.34
C THR A 64 -17.94 3.05 4.60
N ALA A 65 -16.67 3.19 4.98
CA ALA A 65 -16.07 2.58 6.20
C ALA A 65 -16.51 3.27 7.49
N VAL A 66 -17.10 4.46 7.38
CA VAL A 66 -17.55 5.28 8.52
C VAL A 66 -19.06 5.44 8.37
N ASN A 67 -19.80 5.19 9.44
CA ASN A 67 -21.24 5.52 9.50
C ASN A 67 -21.40 6.78 10.34
N VAL A 68 -21.54 7.93 9.68
CA VAL A 68 -22.03 9.20 10.29
C VAL A 68 -22.97 9.88 9.28
N THR A 69 -24.05 10.47 9.78
CA THR A 69 -24.87 11.49 9.07
C THR A 69 -24.13 12.82 9.23
N HIS A 70 -23.84 13.47 8.10
CA HIS A 70 -23.07 14.74 8.02
C HIS A 70 -24.05 15.92 8.11
N SER A 71 -23.54 17.11 8.41
CA SER A 71 -24.30 18.38 8.37
C SER A 71 -24.52 18.81 6.91
N GLY A 72 -23.58 18.47 6.03
CA GLY A 72 -23.47 19.02 4.65
C GLY A 72 -22.61 20.26 4.61
N THR A 73 -22.09 20.70 5.78
CA THR A 73 -21.39 22.01 5.98
C THR A 73 -19.88 21.82 6.20
N GLU A 74 -19.37 20.59 6.13
CA GLU A 74 -17.97 20.32 6.52
C GLU A 74 -17.03 20.95 5.48
N ILE A 75 -15.96 21.58 5.95
CA ILE A 75 -14.85 22.02 5.04
C ILE A 75 -13.64 21.08 5.17
N VAL A 76 -13.75 20.01 5.97
CA VAL A 76 -12.68 18.99 6.14
C VAL A 76 -13.18 17.68 5.57
N ASP A 77 -12.46 17.15 4.59
CA ASP A 77 -12.83 15.88 3.93
C ASP A 77 -11.83 14.82 4.39
N LEU A 78 -12.29 13.60 4.54
CA LEU A 78 -11.38 12.49 4.87
C LEU A 78 -11.63 11.37 3.85
N MET A 79 -10.58 10.91 3.19
CA MET A 79 -10.74 9.80 2.26
C MET A 79 -9.46 8.98 2.27
N CYS A 80 -9.49 7.83 1.62
CA CYS A 80 -8.24 7.02 1.52
C CYS A 80 -7.26 7.62 0.51
N HIS A 81 -5.96 7.34 0.67
CA HIS A 81 -4.94 7.79 -0.32
C HIS A 81 -5.40 7.43 -1.74
N ALA A 82 -5.83 6.20 -1.96
CA ALA A 82 -6.17 5.69 -3.30
C ALA A 82 -7.36 6.46 -3.87
N THR A 83 -8.31 6.80 -3.00
CA THR A 83 -9.53 7.52 -3.40
C THR A 83 -9.15 8.91 -3.92
N PHE A 84 -8.22 9.56 -3.25
CA PHE A 84 -7.77 10.90 -3.66
C PHE A 84 -7.19 10.85 -5.06
N THR A 85 -6.24 9.93 -5.29
CA THR A 85 -5.61 9.81 -6.59
C THR A 85 -6.63 9.39 -7.66
N SER A 86 -7.54 8.50 -7.29
CA SER A 86 -8.59 7.99 -8.21
C SER A 86 -9.43 9.19 -8.69
N ARG A 87 -9.87 10.03 -7.75
CA ARG A 87 -10.75 11.19 -8.09
C ARG A 87 -9.97 12.21 -8.93
N LEU A 88 -8.68 12.39 -8.68
CA LEU A 88 -7.85 13.29 -9.52
C LEU A 88 -7.84 12.78 -10.96
N LEU A 89 -7.73 11.48 -11.15
CA LEU A 89 -7.63 10.88 -12.50
C LEU A 89 -8.94 10.97 -13.27
N GLN A 90 -10.04 10.82 -12.58
CA GLN A 90 -11.40 10.78 -13.15
C GLN A 90 -11.85 12.20 -13.51
N PRO A 91 -12.85 12.30 -14.42
CA PRO A 91 -13.48 13.54 -14.82
C PRO A 91 -14.46 13.92 -13.72
N ILE A 92 -13.92 14.18 -12.55
CA ILE A 92 -14.66 14.62 -11.34
C ILE A 92 -13.82 15.72 -10.70
N ARG A 93 -14.49 16.80 -10.30
CA ARG A 93 -14.01 17.99 -9.57
C ARG A 93 -13.51 17.57 -8.19
N VAL A 94 -12.24 17.79 -7.98
CA VAL A 94 -11.58 17.62 -6.65
C VAL A 94 -11.25 19.04 -6.21
N PRO A 95 -11.68 19.45 -5.00
CA PRO A 95 -11.39 20.81 -4.55
C PRO A 95 -9.87 21.02 -4.55
N ASN A 96 -9.45 22.26 -4.74
CA ASN A 96 -8.02 22.63 -4.58
C ASN A 96 -7.74 22.86 -3.09
N TYR A 97 -7.59 21.78 -2.30
CA TYR A 97 -7.48 21.84 -0.82
C TYR A 97 -6.37 22.80 -0.40
N ASN A 98 -6.67 23.67 0.56
CA ASN A 98 -5.68 24.63 1.11
C ASN A 98 -4.68 23.86 1.99
N LEU A 99 -5.16 22.84 2.70
CA LEU A 99 -4.33 22.03 3.60
C LEU A 99 -4.55 20.56 3.24
N ASN A 100 -3.42 19.88 3.04
CA ASN A 100 -3.39 18.48 2.61
C ASN A 100 -2.64 17.69 3.68
N ILE A 101 -3.37 16.83 4.37
CA ILE A 101 -2.79 16.03 5.47
C ILE A 101 -2.74 14.58 5.02
N MET A 102 -1.55 13.99 4.98
CA MET A 102 -1.44 12.56 4.62
C MET A 102 -1.00 11.79 5.85
N ASP A 103 -1.85 10.90 6.37
CA ASP A 103 -1.41 10.02 7.48
C ASP A 103 -0.71 8.79 6.87
N GLU A 104 0.20 8.22 7.63
CA GLU A 104 1.01 7.00 7.25
C GLU A 104 1.63 7.34 5.87
N ALA A 105 2.28 8.50 5.78
CA ALA A 105 2.73 9.10 4.52
C ALA A 105 3.97 8.40 3.94
N HIS A 106 4.42 7.32 4.57
CA HIS A 106 5.46 6.44 4.02
C HIS A 106 4.88 5.42 3.04
N PHE A 107 3.57 5.27 2.91
CA PHE A 107 2.97 4.19 2.11
C PHE A 107 3.53 4.26 0.70
N THR A 108 4.03 3.14 0.19
CA THR A 108 4.71 3.10 -1.12
C THR A 108 3.83 2.50 -2.22
N ASP A 109 2.51 2.37 -2.01
CA ASP A 109 1.64 1.98 -3.13
C ASP A 109 1.64 3.11 -4.16
N PRO A 110 1.53 2.80 -5.46
CA PRO A 110 1.60 3.81 -6.50
C PRO A 110 0.68 5.01 -6.25
N SER A 111 -0.56 4.77 -5.81
CA SER A 111 -1.51 5.90 -5.64
C SER A 111 -1.06 6.83 -4.52
N SER A 112 -0.37 6.32 -3.51
CA SER A 112 0.13 7.11 -2.35
C SER A 112 1.31 7.94 -2.84
N ILE A 113 2.23 7.33 -3.57
CA ILE A 113 3.40 8.08 -4.10
C ILE A 113 2.88 9.20 -5.02
N ALA A 114 1.89 8.89 -5.86
CA ALA A 114 1.34 9.88 -6.80
C ALA A 114 0.68 11.00 -6.00
N ALA A 115 -0.10 10.64 -4.98
CA ALA A 115 -0.74 11.66 -4.15
C ALA A 115 0.34 12.58 -3.53
N ARG A 116 1.43 12.02 -3.03
CA ARG A 116 2.49 12.87 -2.46
C ARG A 116 3.08 13.78 -3.54
N GLY A 117 3.24 13.32 -4.75
CA GLY A 117 3.81 14.12 -5.84
C GLY A 117 2.89 15.28 -6.19
N TYR A 118 1.60 14.99 -6.33
CA TYR A 118 0.61 16.02 -6.67
C TYR A 118 0.59 17.05 -5.53
N ILE A 119 0.48 16.62 -4.29
CA ILE A 119 0.37 17.54 -3.12
C ILE A 119 1.65 18.37 -3.01
N SER A 120 2.82 17.75 -3.05
CA SER A 120 4.09 18.47 -2.85
C SER A 120 4.28 19.46 -3.99
N THR A 121 3.85 19.14 -5.21
CA THR A 121 3.92 20.07 -6.36
C THR A 121 3.01 21.28 -6.09
N ARG A 122 1.79 21.06 -5.60
CA ARG A 122 0.87 22.20 -5.35
C ARG A 122 1.51 23.07 -4.27
N VAL A 123 2.13 22.48 -3.26
CA VAL A 123 2.78 23.28 -2.20
C VAL A 123 3.93 24.07 -2.84
N GLU A 124 4.77 23.44 -3.65
CA GLU A 124 5.93 24.12 -4.29
C GLU A 124 5.43 25.28 -5.16
N MET A 125 4.27 25.14 -5.82
CA MET A 125 3.71 26.19 -6.68
C MET A 125 3.22 27.38 -5.85
N GLY A 126 3.07 27.24 -4.54
CA GLY A 126 2.74 28.35 -3.64
C GLY A 126 1.28 28.36 -3.24
N GLU A 127 0.54 27.31 -3.62
CA GLU A 127 -0.93 27.21 -3.71
C GLU A 127 -1.54 26.67 -2.41
N ALA A 128 -0.77 25.93 -1.63
CA ALA A 128 -1.29 24.98 -0.63
C ALA A 128 -0.23 24.77 0.44
N ALA A 129 -0.68 24.19 1.53
CA ALA A 129 0.14 23.62 2.61
C ALA A 129 -0.09 22.12 2.69
N ALA A 130 0.85 21.42 3.30
CA ALA A 130 0.72 19.97 3.47
C ALA A 130 1.41 19.52 4.73
N ILE A 131 0.87 18.48 5.33
CA ILE A 131 1.50 17.80 6.49
C ILE A 131 1.56 16.32 6.14
N PHE A 132 2.78 15.77 6.09
CA PHE A 132 3.01 14.32 5.90
C PHE A 132 3.34 13.71 7.25
N MET A 133 2.46 12.87 7.76
CA MET A 133 2.61 12.26 9.10
C MET A 133 3.22 10.88 8.88
N THR A 134 4.46 10.69 9.32
CA THR A 134 5.11 9.36 9.38
C THR A 134 6.35 9.45 10.27
N ALA A 135 6.60 8.37 11.01
CA ALA A 135 7.89 8.12 11.70
C ALA A 135 9.03 7.92 10.72
N THR A 136 8.75 7.54 9.46
CA THR A 136 9.79 7.05 8.53
C THR A 136 9.67 7.76 7.20
N PRO A 137 10.14 9.02 7.10
CA PRO A 137 10.14 9.73 5.83
C PRO A 137 10.97 9.03 4.75
N PRO A 138 10.76 9.32 3.45
CA PRO A 138 11.60 8.74 2.40
C PRO A 138 13.10 8.92 2.62
N GLY A 139 13.86 7.85 2.47
CA GLY A 139 15.32 7.88 2.56
C GLY A 139 15.78 7.80 4.01
N THR A 140 14.87 7.62 4.97
CA THR A 140 15.30 7.36 6.36
C THR A 140 16.24 6.16 6.34
N ARG A 141 17.30 6.22 7.12
CA ARG A 141 18.35 5.18 7.22
C ARG A 141 18.30 4.52 8.59
N ASP A 142 17.28 4.84 9.39
CA ASP A 142 17.21 4.38 10.80
C ASP A 142 16.11 3.30 10.93
N ALA A 143 16.50 2.04 11.01
CA ALA A 143 15.56 0.92 11.21
C ALA A 143 15.16 0.77 12.67
N PHE A 144 15.80 1.49 13.60
CA PHE A 144 15.56 1.30 15.06
C PHE A 144 15.24 2.63 15.73
N PRO A 145 14.17 3.31 15.31
CA PRO A 145 13.79 4.56 15.95
C PRO A 145 13.32 4.39 17.41
N ASP A 146 13.17 5.51 18.08
CA ASP A 146 12.62 5.51 19.46
C ASP A 146 11.22 4.91 19.46
N SER A 147 10.78 4.47 20.65
CA SER A 147 9.48 3.83 20.91
C SER A 147 8.94 4.35 22.25
N ASN A 148 7.68 4.08 22.49
CA ASN A 148 6.99 4.42 23.77
C ASN A 148 7.62 3.62 24.90
N SER A 149 7.96 2.34 24.68
CA SER A 149 8.69 1.53 25.68
C SER A 149 9.86 0.80 25.05
N PRO A 150 10.88 0.49 25.85
CA PRO A 150 12.06 -0.17 25.33
C PRO A 150 11.70 -1.47 24.61
N ILE A 151 12.40 -1.70 23.49
CA ILE A 151 12.27 -2.94 22.67
C ILE A 151 13.54 -3.78 22.82
N MET A 152 13.36 -5.09 22.89
CA MET A 152 14.48 -6.08 22.84
C MET A 152 14.68 -6.42 21.35
N ASP A 153 15.73 -5.91 20.73
CA ASP A 153 16.07 -6.15 19.29
C ASP A 153 17.04 -7.35 19.22
N THR A 154 16.70 -8.41 18.48
CA THR A 154 17.63 -9.53 18.29
C THR A 154 17.68 -9.87 16.82
N GLU A 155 18.90 -9.96 16.28
CA GLU A 155 19.15 -10.52 14.94
C GLU A 155 19.18 -12.02 15.05
N VAL A 156 18.33 -12.72 14.33
CA VAL A 156 18.18 -14.18 14.45
C VAL A 156 17.69 -14.74 13.12
N GLU A 157 18.05 -15.99 12.80
CA GLU A 157 17.52 -16.64 11.59
C GLU A 157 16.03 -16.87 11.78
N VAL A 158 15.26 -16.38 10.83
CA VAL A 158 13.79 -16.52 10.86
C VAL A 158 13.40 -17.50 9.78
N PRO A 159 12.56 -18.50 10.09
CA PRO A 159 12.12 -19.40 9.03
C PRO A 159 11.27 -18.69 7.98
N GLU A 160 11.42 -19.09 6.72
CA GLU A 160 10.63 -18.63 5.57
C GLU A 160 9.93 -19.83 4.91
N ARG A 161 10.02 -21.00 5.55
CA ARG A 161 9.39 -22.23 5.09
C ARG A 161 8.95 -22.99 6.32
N ALA A 162 8.13 -24.01 6.15
CA ALA A 162 7.75 -24.95 7.23
C ALA A 162 9.04 -25.48 7.86
N TRP A 163 9.06 -25.64 9.17
CA TRP A 163 10.24 -26.18 9.91
C TRP A 163 9.77 -27.27 10.88
N SER A 164 10.67 -28.17 11.23
CA SER A 164 10.48 -29.32 12.15
C SER A 164 11.32 -29.14 13.41
N SER A 165 12.40 -28.38 13.33
CA SER A 165 13.39 -28.24 14.42
C SER A 165 14.21 -26.98 14.18
N GLY A 166 14.89 -26.52 15.21
CA GLY A 166 15.90 -25.48 15.10
C GLY A 166 15.36 -24.07 15.32
N PHE A 167 14.04 -23.94 15.50
CA PHE A 167 13.41 -22.62 15.78
C PHE A 167 12.47 -22.69 16.99
N ASP A 168 12.89 -23.35 18.07
CA ASP A 168 11.96 -23.55 19.21
C ASP A 168 11.49 -22.20 19.74
N TRP A 169 12.33 -21.18 19.70
CA TRP A 169 12.02 -19.84 20.23
C TRP A 169 10.74 -19.31 19.58
N VAL A 170 10.45 -19.73 18.36
CA VAL A 170 9.23 -19.22 17.67
C VAL A 170 7.98 -19.69 18.43
N THR A 171 7.89 -20.99 18.72
CA THR A 171 6.64 -21.60 19.24
C THR A 171 6.67 -21.56 20.76
N ASP A 172 7.84 -21.41 21.36
CA ASP A 172 7.95 -21.47 22.84
C ASP A 172 7.32 -20.25 23.50
N HIS A 173 7.05 -19.21 22.76
CA HIS A 173 6.51 -17.90 23.21
C HIS A 173 5.04 -17.99 23.64
N SER A 174 4.65 -17.34 24.72
CA SER A 174 3.28 -17.49 25.28
C SER A 174 2.43 -16.26 24.93
N GLY A 175 3.02 -15.24 24.32
CA GLY A 175 2.28 -14.01 24.01
C GLY A 175 1.73 -13.98 22.60
N LYS A 176 1.60 -12.79 22.06
CA LYS A 176 1.04 -12.58 20.71
C LYS A 176 2.15 -12.02 19.81
N THR A 177 2.26 -12.59 18.61
CA THR A 177 3.34 -12.27 17.66
C THR A 177 2.74 -11.77 16.36
N VAL A 178 3.28 -10.67 15.87
CA VAL A 178 3.04 -10.23 14.48
C VAL A 178 4.25 -10.63 13.65
N TRP A 179 4.04 -11.41 12.60
CA TRP A 179 5.14 -11.97 11.76
C TRP A 179 5.00 -11.41 10.35
N PHE A 180 5.96 -10.60 9.92
CA PHE A 180 6.02 -10.03 8.57
C PHE A 180 6.73 -11.02 7.65
N VAL A 181 6.03 -11.39 6.60
CA VAL A 181 6.49 -12.29 5.51
C VAL A 181 6.53 -11.50 4.21
N PRO A 182 7.36 -11.96 3.25
CA PRO A 182 7.45 -11.26 1.97
C PRO A 182 6.34 -11.47 0.95
N SER A 183 5.47 -12.45 1.16
CA SER A 183 4.39 -12.72 0.18
C SER A 183 3.27 -13.49 0.85
N VAL A 184 2.09 -13.42 0.24
CA VAL A 184 0.95 -14.29 0.65
C VAL A 184 1.35 -15.77 0.65
N ARG A 185 1.96 -16.26 -0.41
CA ARG A 185 2.29 -17.69 -0.56
C ARG A 185 3.23 -18.11 0.57
N ASN A 186 4.24 -17.28 0.88
N ASN A 186 4.23 -17.26 0.85
CA ASN A 186 5.19 -17.61 1.99
CA ASN A 186 5.17 -17.49 1.97
C ASN A 186 4.40 -17.60 3.33
C ASN A 186 4.37 -17.61 3.27
N GLY A 187 3.51 -16.63 3.54
CA GLY A 187 2.73 -16.60 4.79
C GLY A 187 1.87 -17.84 4.93
N ASN A 188 1.37 -18.34 3.81
CA ASN A 188 0.45 -19.50 3.80
C ASN A 188 1.22 -20.71 4.36
N GLU A 189 2.45 -20.90 3.92
CA GLU A 189 3.25 -22.05 4.38
C GLU A 189 3.59 -21.90 5.86
N ILE A 190 4.01 -20.72 6.30
CA ILE A 190 4.37 -20.51 7.73
C ILE A 190 3.10 -20.68 8.57
N ALA A 191 2.01 -20.08 8.12
CA ALA A 191 0.72 -20.20 8.84
C ALA A 191 0.33 -21.68 9.02
N ALA A 192 0.46 -22.49 7.98
CA ALA A 192 0.08 -23.91 8.04
C ALA A 192 0.97 -24.62 9.07
N CYS A 193 2.25 -24.30 9.10
CA CYS A 193 3.20 -24.92 10.04
C CYS A 193 2.81 -24.56 11.48
N LEU A 194 2.50 -23.28 11.75
CA LEU A 194 2.12 -22.82 13.09
C LEU A 194 0.79 -23.48 13.49
N THR A 195 -0.16 -23.57 12.57
CA THR A 195 -1.49 -24.18 12.84
C THR A 195 -1.28 -25.66 13.22
N LYS A 196 -0.42 -26.35 12.50
CA LYS A 196 -0.10 -27.77 12.77
C LYS A 196 0.50 -27.87 14.17
N ALA A 197 1.26 -26.88 14.66
CA ALA A 197 1.88 -26.87 16.01
C ALA A 197 0.90 -26.39 17.09
N GLY A 198 -0.36 -26.15 16.76
CA GLY A 198 -1.44 -25.83 17.72
C GLY A 198 -1.65 -24.35 17.90
N LYS A 199 -1.06 -23.50 17.05
CA LYS A 199 -1.21 -22.04 17.19
C LYS A 199 -2.44 -21.57 16.43
N ARG A 200 -3.05 -20.51 16.93
CA ARG A 200 -4.13 -19.78 16.24
C ARG A 200 -3.55 -18.65 15.42
N VAL A 201 -3.74 -18.73 14.11
CA VAL A 201 -3.09 -17.83 13.12
C VAL A 201 -4.12 -17.05 12.32
N ILE A 202 -3.95 -15.75 12.26
CA ILE A 202 -4.70 -14.89 11.31
C ILE A 202 -3.70 -14.48 10.23
N GLN A 203 -4.13 -14.52 8.97
CA GLN A 203 -3.31 -14.01 7.82
C GLN A 203 -3.89 -12.70 7.28
N LEU A 204 -3.03 -11.71 7.06
CA LEU A 204 -3.41 -10.39 6.49
C LEU A 204 -2.61 -10.17 5.20
N SER A 205 -3.29 -9.63 4.18
CA SER A 205 -2.65 -9.18 2.94
C SER A 205 -3.50 -8.03 2.39
N ARG A 206 -3.05 -7.36 1.34
CA ARG A 206 -3.82 -6.18 0.83
C ARG A 206 -5.27 -6.53 0.55
N LYS A 207 -5.55 -7.61 -0.16
CA LYS A 207 -6.91 -7.95 -0.63
C LYS A 207 -7.82 -8.29 0.56
N THR A 208 -7.27 -8.86 1.62
CA THR A 208 -8.08 -9.39 2.74
C THR A 208 -8.07 -8.43 3.93
N PHE A 209 -7.27 -7.36 3.91
CA PHE A 209 -6.94 -6.60 5.13
C PHE A 209 -8.21 -6.09 5.83
N GLU A 210 -9.16 -5.39 5.22
CA GLU A 210 -10.25 -4.84 6.12
C GLU A 210 -10.96 -5.96 6.87
N THR A 211 -11.46 -6.94 6.13
CA THR A 211 -12.22 -8.07 6.69
C THR A 211 -11.40 -8.78 7.74
N GLU A 212 -10.17 -9.19 7.40
CA GLU A 212 -9.40 -10.11 8.26
C GLU A 212 -8.88 -9.34 9.47
N PHE A 213 -8.57 -8.05 9.34
CA PHE A 213 -7.98 -7.29 10.46
C PHE A 213 -8.96 -7.33 11.64
N GLN A 214 -10.27 -7.33 11.37
CA GLN A 214 -11.30 -7.36 12.45
C GLN A 214 -11.13 -8.62 13.31
N LYS A 215 -10.68 -9.73 12.71
CA LYS A 215 -10.44 -10.99 13.48
C LYS A 215 -9.44 -10.75 14.61
N THR A 216 -8.50 -9.82 14.45
CA THR A 216 -7.50 -9.58 15.49
C THR A 216 -8.14 -8.94 16.71
N LYS A 217 -9.31 -8.34 16.56
CA LYS A 217 -10.09 -7.82 17.70
C LYS A 217 -11.11 -8.83 18.20
N ASN A 218 -11.69 -9.63 17.32
CA ASN A 218 -12.90 -10.44 17.63
C ASN A 218 -12.51 -11.84 18.10
N GLN A 219 -11.32 -12.34 17.75
CA GLN A 219 -10.96 -13.72 18.15
C GLN A 219 -9.61 -13.73 18.85
N GLU A 220 -9.41 -14.79 19.65
CA GLU A 220 -8.10 -15.00 20.29
C GLU A 220 -7.17 -15.56 19.20
N TRP A 221 -5.95 -15.11 19.25
CA TRP A 221 -4.93 -15.45 18.23
C TRP A 221 -3.59 -15.47 18.94
N ASP A 222 -2.68 -16.26 18.38
CA ASP A 222 -1.28 -16.39 18.84
C ASP A 222 -0.34 -15.68 17.85
N PHE A 223 -0.66 -15.78 16.57
CA PHE A 223 0.15 -15.18 15.49
C PHE A 223 -0.76 -14.45 14.52
N VAL A 224 -0.30 -13.29 14.09
CA VAL A 224 -0.75 -12.65 12.84
C VAL A 224 0.40 -12.79 11.83
N ILE A 225 0.12 -13.42 10.71
CA ILE A 225 1.05 -13.55 9.56
C ILE A 225 0.62 -12.53 8.53
N THR A 226 1.46 -11.55 8.27
CA THR A 226 1.07 -10.38 7.46
C THR A 226 2.14 -10.09 6.43
N THR A 227 1.70 -9.57 5.29
CA THR A 227 2.61 -8.88 4.37
C THR A 227 2.88 -7.46 4.86
N ASP A 228 3.60 -6.73 4.05
CA ASP A 228 4.00 -5.33 4.35
C ASP A 228 2.78 -4.43 4.53
N ILE A 229 1.56 -4.85 4.20
CA ILE A 229 0.40 -3.91 4.36
C ILE A 229 0.26 -3.50 5.85
N SER A 230 0.73 -4.33 6.77
CA SER A 230 0.59 -3.95 8.21
C SER A 230 1.62 -2.92 8.65
N GLU A 231 2.45 -2.43 7.73
CA GLU A 231 3.32 -1.27 7.98
C GLU A 231 2.51 0.04 8.07
N MET A 232 1.26 0.04 7.62
CA MET A 232 0.51 1.31 7.42
C MET A 232 -0.51 1.56 8.56
N GLY A 233 -0.02 1.61 9.78
CA GLY A 233 -0.80 2.05 10.95
C GLY A 233 -1.75 0.98 11.50
N ALA A 234 -1.58 -0.29 11.11
CA ALA A 234 -2.26 -1.47 11.68
C ALA A 234 -1.81 -1.58 13.13
N ASN A 235 -2.71 -1.53 14.13
CA ASN A 235 -2.24 -1.72 15.52
C ASN A 235 -2.78 -3.03 16.11
N PHE A 236 -1.90 -3.68 16.84
CA PHE A 236 -2.10 -5.03 17.38
C PHE A 236 -1.78 -4.96 18.87
N LYS A 237 -2.44 -5.80 19.64
CA LYS A 237 -2.10 -5.89 21.08
C LYS A 237 -1.08 -7.03 21.17
N ALA A 238 0.16 -6.76 20.78
CA ALA A 238 1.17 -7.82 20.59
C ALA A 238 2.36 -7.54 21.48
N ASP A 239 3.14 -8.55 21.82
CA ASP A 239 4.40 -8.27 22.56
C ASP A 239 5.62 -8.78 21.76
N ARG A 240 5.41 -9.25 20.53
CA ARG A 240 6.56 -9.65 19.70
C ARG A 240 6.27 -9.37 18.23
N VAL A 241 7.29 -8.92 17.53
CA VAL A 241 7.32 -8.91 16.05
C VAL A 241 8.42 -9.86 15.62
N ILE A 242 8.11 -10.75 14.70
CA ILE A 242 9.10 -11.56 13.98
C ILE A 242 9.15 -10.93 12.60
N ASP A 243 10.33 -10.52 12.16
CA ASP A 243 10.42 -9.82 10.89
C ASP A 243 11.40 -10.56 10.00
N SER A 244 10.90 -11.20 8.93
CA SER A 244 11.74 -11.81 7.89
C SER A 244 12.76 -10.78 7.36
N ARG A 245 12.40 -9.49 7.40
CA ARG A 245 13.13 -8.37 6.78
C ARG A 245 13.18 -8.54 5.27
N ARG A 246 12.20 -9.25 4.72
CA ARG A 246 12.15 -9.56 3.27
C ARG A 246 10.82 -9.05 2.67
N CYS A 247 10.92 -8.72 1.39
CA CYS A 247 9.78 -8.23 0.59
C CYS A 247 9.97 -8.69 -0.86
N LEU A 248 8.92 -8.58 -1.66
CA LEU A 248 8.99 -8.74 -3.12
C LEU A 248 9.08 -7.36 -3.74
N LYS A 249 9.89 -7.28 -4.79
CA LYS A 249 10.08 -6.00 -5.52
C LYS A 249 9.55 -6.20 -6.92
N PRO A 250 8.48 -5.53 -7.33
CA PRO A 250 8.06 -5.55 -8.73
C PRO A 250 9.12 -4.78 -9.53
N VAL A 251 9.58 -5.39 -10.62
CA VAL A 251 10.66 -4.87 -11.48
C VAL A 251 10.20 -4.97 -12.92
N ILE A 252 10.23 -3.86 -13.62
CA ILE A 252 9.96 -3.83 -15.08
C ILE A 252 11.24 -4.26 -15.79
N LEU A 253 11.20 -5.34 -16.59
CA LEU A 253 12.36 -5.83 -17.39
C LEU A 253 12.19 -5.38 -18.84
N ASP A 254 13.15 -4.62 -19.39
CA ASP A 254 13.18 -4.27 -20.84
C ASP A 254 11.93 -3.52 -21.27
N GLY A 255 11.30 -2.72 -20.41
CA GLY A 255 10.02 -2.04 -20.70
C GLY A 255 8.89 -2.97 -21.11
N GLU A 256 8.99 -4.30 -20.91
CA GLU A 256 8.11 -5.28 -21.63
C GLU A 256 7.38 -6.25 -20.69
N ARG A 257 7.84 -6.46 -19.45
CA ARG A 257 7.19 -7.40 -18.50
C ARG A 257 7.50 -6.93 -17.08
N VAL A 258 6.69 -7.37 -16.14
CA VAL A 258 6.94 -7.11 -14.70
C VAL A 258 7.15 -8.44 -14.00
N ILE A 259 8.25 -8.57 -13.27
CA ILE A 259 8.54 -9.75 -12.43
C ILE A 259 8.47 -9.33 -10.98
N LEU A 260 8.21 -10.29 -10.11
CA LEU A 260 8.27 -10.07 -8.67
C LEU A 260 9.58 -10.65 -8.20
N ALA A 261 10.57 -9.78 -8.14
CA ALA A 261 11.96 -10.11 -7.82
C ALA A 261 12.06 -10.33 -6.32
N GLY A 262 13.01 -11.17 -5.93
CA GLY A 262 13.33 -11.44 -4.51
C GLY A 262 12.79 -12.80 -4.08
N PRO A 263 12.44 -12.98 -2.81
CA PRO A 263 12.45 -11.91 -1.83
C PRO A 263 13.81 -11.30 -1.57
N MET A 264 13.77 -10.05 -1.16
CA MET A 264 15.02 -9.29 -0.93
C MET A 264 14.80 -8.37 0.26
N PRO A 265 15.86 -7.72 0.76
CA PRO A 265 15.77 -6.92 1.96
C PRO A 265 14.73 -5.80 1.81
N VAL A 266 14.10 -5.50 2.93
CA VAL A 266 13.25 -4.31 3.07
C VAL A 266 14.09 -3.05 3.17
N THR A 267 13.42 -1.91 2.93
CA THR A 267 14.03 -0.62 3.28
C THR A 267 14.17 -0.44 4.79
N HIS A 268 14.96 0.54 5.18
CA HIS A 268 15.04 0.91 6.60
C HIS A 268 13.66 1.38 7.10
N ALA A 269 12.95 2.16 6.29
CA ALA A 269 11.62 2.68 6.66
C ALA A 269 10.69 1.49 6.95
N SER A 270 10.65 0.51 6.07
CA SER A 270 9.76 -0.67 6.25
C SER A 270 10.15 -1.40 7.52
N ALA A 271 11.44 -1.61 7.73
CA ALA A 271 11.92 -2.34 8.91
C ALA A 271 11.50 -1.58 10.16
N ALA A 272 11.63 -0.26 10.15
CA ALA A 272 11.25 0.54 11.35
C ALA A 272 9.74 0.47 11.58
N GLN A 273 8.92 0.43 10.51
CA GLN A 273 7.45 0.36 10.68
C GLN A 273 7.03 -1.03 11.17
N ARG A 274 7.73 -2.04 10.72
CA ARG A 274 7.47 -3.43 11.16
C ARG A 274 7.77 -3.52 12.65
N ARG A 275 8.98 -3.13 13.02
CA ARG A 275 9.37 -3.09 14.43
C ARG A 275 8.37 -2.23 15.21
N GLY A 276 7.94 -1.11 14.62
CA GLY A 276 7.11 -0.12 15.31
C GLY A 276 5.73 -0.65 15.62
N ARG A 277 5.38 -1.90 15.22
CA ARG A 277 4.10 -2.49 15.68
C ARG A 277 4.16 -2.73 17.18
N ILE A 278 5.37 -2.87 17.76
CA ILE A 278 5.51 -3.16 19.21
C ILE A 278 6.34 -2.07 19.87
N GLY A 279 6.48 -2.14 21.21
CA GLY A 279 7.08 -1.08 22.02
C GLY A 279 6.16 0.13 22.18
N ARG A 280 4.86 -0.06 21.93
CA ARG A 280 3.91 1.07 21.80
C ARG A 280 3.30 1.41 23.15
N ASN A 281 3.44 0.52 24.14
CA ASN A 281 2.72 0.67 25.43
C ASN A 281 3.76 1.00 26.50
N PRO A 282 3.80 2.24 27.05
CA PRO A 282 4.87 2.62 27.98
C PRO A 282 4.83 1.78 29.29
N ASN A 283 3.69 1.13 29.55
CA ASN A 283 3.50 0.19 30.69
C ASN A 283 3.89 -1.25 30.37
N LYS A 284 4.32 -1.56 29.14
CA LYS A 284 4.77 -2.93 28.81
C LYS A 284 6.14 -2.84 28.17
N PRO A 285 7.23 -2.62 28.93
CA PRO A 285 8.58 -2.67 28.37
C PRO A 285 8.94 -4.13 28.05
N GLY A 286 9.88 -4.30 27.13
CA GLY A 286 10.46 -5.62 26.82
C GLY A 286 9.70 -6.34 25.75
N ASP A 287 8.87 -5.63 24.97
CA ASP A 287 8.41 -6.22 23.71
C ASP A 287 9.64 -6.62 22.88
N GLU A 288 9.50 -7.66 22.08
CA GLU A 288 10.61 -8.27 21.33
C GLU A 288 10.49 -8.01 19.83
N TYR A 289 11.61 -7.70 19.21
CA TYR A 289 11.74 -7.57 17.74
C TYR A 289 12.84 -8.52 17.29
N MET A 290 12.43 -9.59 16.60
CA MET A 290 13.37 -10.60 16.10
C MET A 290 13.47 -10.37 14.61
N TYR A 291 14.67 -10.13 14.08
CA TYR A 291 14.80 -9.79 12.64
C TYR A 291 15.79 -10.68 11.94
N GLY A 292 15.42 -11.13 10.73
CA GLY A 292 16.09 -12.24 10.01
C GLY A 292 16.96 -11.77 8.86
N GLY A 293 17.30 -10.50 8.79
CA GLY A 293 18.12 -9.99 7.68
C GLY A 293 18.39 -8.51 7.80
N GLY A 294 19.24 -8.00 6.93
CA GLY A 294 19.56 -6.57 6.90
C GLY A 294 18.59 -5.79 6.04
N CYS A 295 18.76 -4.49 6.01
CA CYS A 295 17.98 -3.59 5.14
C CYS A 295 18.81 -3.20 3.93
N ALA A 296 18.14 -2.72 2.90
CA ALA A 296 18.78 -2.18 1.68
C ALA A 296 17.79 -1.21 1.01
N GLU A 297 18.21 -0.36 0.10
N GLU A 297 18.28 -0.51 -0.01
CA GLU A 297 17.23 0.58 -0.51
CA GLU A 297 17.54 0.50 -0.82
C GLU A 297 16.68 -0.09 -1.78
C GLU A 297 16.75 -0.21 -1.91
N THR A 298 15.78 -1.05 -1.55
CA THR A 298 15.12 -1.89 -2.58
C THR A 298 13.97 -1.11 -3.25
N ASP A 299 13.73 0.14 -2.83
CA ASP A 299 12.78 1.02 -3.55
C ASP A 299 13.41 1.59 -4.80
N GLU A 300 14.74 1.50 -4.92
CA GLU A 300 15.42 2.02 -6.14
C GLU A 300 15.09 1.09 -7.29
N GLY A 301 14.42 1.61 -8.32
CA GLY A 301 14.06 0.82 -9.51
C GLY A 301 12.82 -0.02 -9.24
N HIS A 302 12.13 0.20 -8.13
CA HIS A 302 10.90 -0.56 -7.80
C HIS A 302 9.76 -0.04 -8.69
N ALA A 303 8.97 -0.92 -9.30
CA ALA A 303 7.95 -0.50 -10.29
C ALA A 303 6.98 0.52 -9.68
N HIS A 304 6.72 0.52 -8.37
CA HIS A 304 5.68 1.44 -7.83
C HIS A 304 5.99 2.91 -8.16
N TRP A 305 7.25 3.30 -8.19
CA TRP A 305 7.62 4.72 -8.48
C TRP A 305 7.45 5.04 -9.99
N LEU A 306 7.65 4.09 -10.86
CA LEU A 306 7.36 4.26 -12.30
C LEU A 306 5.84 4.29 -12.46
N GLU A 307 5.11 3.36 -11.83
CA GLU A 307 3.63 3.41 -11.85
C GLU A 307 3.13 4.76 -11.34
N ALA A 308 3.74 5.30 -10.29
CA ALA A 308 3.33 6.63 -9.79
C ALA A 308 3.49 7.69 -10.87
N ARG A 309 4.57 7.63 -11.65
CA ARG A 309 4.75 8.56 -12.80
C ARG A 309 3.67 8.34 -13.86
N MET A 310 3.24 7.10 -14.10
CA MET A 310 2.14 6.86 -15.05
C MET A 310 0.86 7.54 -14.55
N LEU A 311 0.63 7.51 -13.23
CA LEU A 311 -0.60 8.15 -12.69
C LEU A 311 -0.45 9.68 -12.81
N LEU A 312 0.71 10.21 -12.41
CA LEU A 312 0.88 11.69 -12.35
C LEU A 312 0.91 12.28 -13.75
N ASP A 313 1.37 11.55 -14.76
CA ASP A 313 1.38 12.07 -16.15
C ASP A 313 -0.05 12.23 -16.64
N ASN A 314 -1.01 11.59 -15.98
CA ASN A 314 -2.43 11.55 -16.42
C ASN A 314 -3.32 12.32 -15.45
N ILE A 315 -2.75 13.21 -14.66
CA ILE A 315 -3.53 14.04 -13.72
C ILE A 315 -3.35 15.49 -14.16
N TYR A 316 -4.46 16.17 -14.37
CA TYR A 316 -4.39 17.61 -14.70
C TYR A 316 -3.88 18.39 -13.50
N LEU A 317 -2.95 19.29 -13.76
CA LEU A 317 -2.41 20.19 -12.73
C LEU A 317 -2.71 21.64 -13.14
N GLN A 318 -2.14 22.05 -14.26
CA GLN A 318 -2.30 23.42 -14.81
C GLN A 318 -1.76 23.40 -16.24
N ASP A 319 -2.61 23.65 -17.22
CA ASP A 319 -2.28 23.57 -18.67
C ASP A 319 -1.59 22.24 -18.97
N GLY A 320 -0.37 22.28 -19.48
CA GLY A 320 0.39 21.05 -19.80
C GLY A 320 1.37 20.65 -18.71
N LEU A 321 1.37 21.35 -17.57
CA LEU A 321 2.34 21.05 -16.48
C LEU A 321 2.00 19.68 -15.89
N ILE A 322 3.02 19.03 -15.37
CA ILE A 322 2.85 17.68 -14.77
C ILE A 322 3.50 17.68 -13.41
N ALA A 323 2.81 17.15 -12.42
CA ALA A 323 3.32 17.10 -11.04
C ALA A 323 4.56 16.23 -11.02
N SER A 324 5.55 16.67 -10.25
CA SER A 324 6.80 15.93 -9.95
C SER A 324 6.56 15.01 -8.77
N LEU A 325 7.29 13.90 -8.70
CA LEU A 325 7.32 13.15 -7.42
C LEU A 325 7.87 14.06 -6.32
N TYR A 326 7.45 13.74 -5.13
CA TYR A 326 7.94 14.34 -3.89
C TYR A 326 9.47 14.20 -3.90
N ARG A 327 10.18 15.30 -3.67
CA ARG A 327 11.62 15.35 -3.99
C ARG A 327 12.38 14.19 -3.35
N PRO A 328 12.24 13.87 -2.04
CA PRO A 328 13.04 12.80 -1.44
C PRO A 328 12.88 11.41 -2.07
N GLU A 329 11.81 11.20 -2.81
CA GLU A 329 11.61 9.86 -3.44
C GLU A 329 11.68 9.95 -4.96
N ALA A 330 12.08 11.07 -5.54
CA ALA A 330 12.01 11.31 -7.00
C ALA A 330 13.10 10.53 -7.75
N ASP A 331 14.20 10.16 -7.11
CA ASP A 331 15.29 9.45 -7.83
C ASP A 331 15.07 7.95 -7.83
N LYS A 332 13.97 7.44 -7.25
CA LYS A 332 13.73 5.98 -7.18
C LYS A 332 13.33 5.48 -8.56
N VAL A 333 13.09 6.38 -9.52
CA VAL A 333 12.61 5.95 -10.86
C VAL A 333 13.42 6.71 -11.92
N ALA A 334 13.70 6.09 -13.05
CA ALA A 334 14.28 6.75 -14.24
C ALA A 334 13.14 6.86 -15.25
N ALA A 335 12.53 8.03 -15.32
CA ALA A 335 11.39 8.27 -16.24
C ALA A 335 11.52 9.67 -16.82
N ILE A 336 10.98 9.88 -18.01
CA ILE A 336 10.83 11.23 -18.61
C ILE A 336 9.46 11.79 -18.16
N GLU A 337 9.40 12.88 -17.40
CA GLU A 337 8.10 13.51 -17.01
C GLU A 337 7.29 13.68 -18.29
N GLY A 338 6.03 13.26 -18.27
CA GLY A 338 5.13 13.35 -19.45
C GLY A 338 5.22 12.16 -20.40
N GLU A 339 6.14 11.21 -20.25
CA GLU A 339 6.29 10.12 -21.24
C GLU A 339 5.04 9.25 -21.25
N PHE A 340 4.24 9.24 -20.17
CA PHE A 340 3.07 8.33 -20.03
C PHE A 340 1.77 9.10 -20.20
N LYS A 341 1.83 10.38 -20.55
CA LYS A 341 0.62 11.17 -20.80
C LYS A 341 -0.19 10.59 -21.95
N LEU A 342 -1.45 10.26 -21.68
CA LEU A 342 -2.35 9.67 -22.71
C LEU A 342 -3.37 10.71 -23.17
N ARG A 343 -3.78 10.58 -24.43
CA ARG A 343 -4.93 11.34 -24.99
C ARG A 343 -6.21 10.92 -24.24
N THR A 344 -7.25 11.75 -24.31
CA THR A 344 -8.45 11.64 -23.46
C THR A 344 -9.01 10.20 -23.46
N GLU A 345 -9.20 9.59 -24.63
CA GLU A 345 -9.91 8.29 -24.72
C GLU A 345 -9.02 7.17 -24.18
N GLN A 346 -7.72 7.18 -24.49
CA GLN A 346 -6.78 6.16 -23.92
C GLN A 346 -6.71 6.39 -22.42
N ARG A 347 -6.68 7.63 -21.93
CA ARG A 347 -6.67 7.87 -20.48
C ARG A 347 -7.91 7.25 -19.82
N LYS A 348 -9.09 7.40 -20.40
CA LYS A 348 -10.32 6.82 -19.83
C LYS A 348 -10.15 5.30 -19.76
N THR A 349 -9.54 4.71 -20.78
CA THR A 349 -9.36 3.23 -20.82
C THR A 349 -8.43 2.84 -19.67
N PHE A 350 -7.32 3.58 -19.57
CA PHE A 350 -6.33 3.34 -18.50
C PHE A 350 -7.01 3.34 -17.14
N VAL A 351 -7.80 4.37 -16.88
CA VAL A 351 -8.50 4.52 -15.59
C VAL A 351 -9.44 3.34 -15.37
N GLU A 352 -10.20 2.96 -16.38
CA GLU A 352 -11.19 1.89 -16.19
C GLU A 352 -10.46 0.55 -15.93
N LEU A 353 -9.36 0.31 -16.65
CA LEU A 353 -8.58 -0.94 -16.47
C LEU A 353 -8.09 -1.02 -15.02
N MET A 354 -7.75 0.11 -14.41
CA MET A 354 -7.34 0.06 -12.99
C MET A 354 -8.54 -0.04 -12.06
N LYS A 355 -9.58 0.77 -12.27
CA LYS A 355 -10.72 0.87 -11.34
C LYS A 355 -11.60 -0.39 -11.43
N ARG A 356 -12.26 -0.59 -12.55
CA ARG A 356 -13.14 -1.77 -12.76
C ARG A 356 -12.28 -3.00 -13.05
N GLY A 357 -11.26 -2.84 -13.89
CA GLY A 357 -10.42 -4.00 -14.26
C GLY A 357 -9.58 -4.55 -13.11
N ASP A 358 -9.27 -3.72 -12.14
CA ASP A 358 -8.39 -4.10 -10.99
C ASP A 358 -7.04 -4.59 -11.49
N LEU A 359 -6.56 -4.05 -12.61
CA LEU A 359 -5.22 -4.43 -13.11
C LEU A 359 -4.18 -3.54 -12.49
N PRO A 360 -2.93 -4.06 -12.34
CA PRO A 360 -1.83 -3.21 -11.88
C PRO A 360 -1.68 -2.01 -12.83
N VAL A 361 -1.22 -0.90 -12.29
CA VAL A 361 -1.05 0.33 -13.10
C VAL A 361 -0.25 0.04 -14.37
N TRP A 362 0.92 -0.57 -14.21
CA TRP A 362 1.81 -0.82 -15.38
C TRP A 362 1.04 -1.57 -16.46
N LEU A 363 0.33 -2.63 -16.10
CA LEU A 363 -0.36 -3.44 -17.12
C LEU A 363 -1.50 -2.63 -17.76
N ALA A 364 -2.30 -1.93 -16.95
CA ALA A 364 -3.37 -1.03 -17.45
C ALA A 364 -2.80 -0.09 -18.49
N TYR A 365 -1.62 0.46 -18.19
CA TYR A 365 -0.97 1.40 -19.13
C TYR A 365 -0.64 0.72 -20.46
N GLN A 366 -0.04 -0.47 -20.43
CA GLN A 366 0.36 -1.15 -21.67
C GLN A 366 -0.88 -1.32 -22.54
N VAL A 367 -1.97 -1.77 -21.95
CA VAL A 367 -3.20 -2.06 -22.73
C VAL A 367 -3.78 -0.78 -23.29
N ALA A 368 -3.95 0.24 -22.47
CA ALA A 368 -4.58 1.53 -22.86
C ALA A 368 -3.69 2.20 -23.93
N SER A 369 -2.37 2.19 -23.75
CA SER A 369 -1.47 2.88 -24.69
C SER A 369 -1.37 2.13 -26.01
N ALA A 370 -1.74 0.86 -26.03
CA ALA A 370 -1.80 0.07 -27.27
C ALA A 370 -3.05 0.40 -28.09
N GLY A 371 -3.97 1.19 -27.56
CA GLY A 371 -5.21 1.59 -28.25
C GLY A 371 -6.28 0.51 -28.13
N ILE A 372 -6.16 -0.39 -27.17
CA ILE A 372 -7.16 -1.47 -26.88
C ILE A 372 -8.25 -0.87 -26.02
N THR A 373 -9.51 -1.20 -26.29
CA THR A 373 -10.63 -0.71 -25.48
C THR A 373 -10.86 -1.63 -24.29
N TYR A 374 -11.53 -1.11 -23.26
CA TYR A 374 -11.58 -1.78 -21.94
C TYR A 374 -12.10 -3.22 -22.07
N THR A 375 -13.12 -3.47 -22.89
CA THR A 375 -13.79 -4.79 -22.98
C THR A 375 -13.11 -5.73 -23.95
N ASP A 376 -12.04 -5.32 -24.63
CA ASP A 376 -11.39 -6.14 -25.68
C ASP A 376 -10.31 -6.95 -24.99
N ARG A 377 -10.55 -8.23 -24.78
CA ARG A 377 -9.68 -9.10 -23.97
C ARG A 377 -8.83 -9.99 -24.84
N ARG A 378 -8.76 -9.73 -26.15
CA ARG A 378 -7.95 -10.56 -27.08
C ARG A 378 -6.49 -10.63 -26.62
N TRP A 379 -5.97 -9.54 -26.07
CA TRP A 379 -4.57 -9.46 -25.61
C TRP A 379 -4.30 -10.46 -24.49
N CYS A 380 -5.32 -10.99 -23.81
CA CYS A 380 -5.08 -11.93 -22.68
C CYS A 380 -4.64 -13.30 -23.20
N PHE A 381 -4.68 -13.51 -24.51
CA PHE A 381 -4.47 -14.85 -25.09
C PHE A 381 -3.43 -14.83 -26.21
N ASP A 382 -2.88 -13.69 -26.63
CA ASP A 382 -2.03 -13.70 -27.86
C ASP A 382 -0.57 -13.35 -27.57
N GLY A 383 -0.12 -13.55 -26.33
CA GLY A 383 1.28 -13.34 -25.90
C GLY A 383 2.24 -14.40 -26.43
N THR A 384 3.54 -14.19 -26.22
CA THR A 384 4.57 -15.19 -26.56
C THR A 384 4.39 -16.38 -25.65
N THR A 385 4.97 -17.52 -26.01
CA THR A 385 4.86 -18.76 -25.23
C THR A 385 5.39 -18.55 -23.79
N ASN A 386 6.46 -17.76 -23.59
CA ASN A 386 7.04 -17.59 -22.25
C ASN A 386 6.10 -16.75 -21.35
N ASN A 387 5.00 -16.20 -21.88
CA ASN A 387 4.00 -15.42 -21.11
C ASN A 387 2.85 -16.33 -20.65
N THR A 388 2.92 -17.64 -20.94
CA THR A 388 1.91 -18.58 -20.46
C THR A 388 1.80 -18.55 -18.92
N ILE A 389 0.62 -18.30 -18.36
CA ILE A 389 0.44 -18.32 -16.89
C ILE A 389 0.16 -19.76 -16.44
N MET A 390 0.83 -20.19 -15.38
CA MET A 390 0.74 -21.56 -14.86
C MET A 390 -0.08 -21.59 -13.57
N GLU A 391 -0.96 -22.59 -13.43
N GLU A 391 -0.93 -22.62 -13.44
CA GLU A 391 -1.77 -22.87 -12.22
CA GLU A 391 -1.80 -22.92 -12.28
C GLU A 391 -1.57 -24.34 -11.83
C GLU A 391 -1.56 -24.36 -11.85
N ASP A 392 -0.89 -24.59 -10.71
CA ASP A 392 -0.60 -25.97 -10.20
C ASP A 392 0.17 -26.75 -11.26
N SER A 393 1.22 -26.15 -11.80
CA SER A 393 2.18 -26.78 -12.73
C SER A 393 1.57 -27.06 -14.11
N VAL A 394 0.38 -26.53 -14.47
CA VAL A 394 -0.26 -26.71 -15.80
C VAL A 394 -0.65 -25.31 -16.28
N PRO A 395 -0.69 -25.03 -17.60
CA PRO A 395 -1.13 -23.72 -18.09
C PRO A 395 -2.56 -23.45 -17.61
N ALA A 396 -2.78 -22.23 -17.13
CA ALA A 396 -4.11 -21.75 -16.71
C ALA A 396 -4.96 -21.61 -17.96
N GLU A 397 -6.23 -21.96 -17.84
CA GLU A 397 -7.18 -21.91 -18.97
C GLU A 397 -8.45 -21.22 -18.50
N VAL A 398 -9.09 -20.52 -19.42
CA VAL A 398 -10.41 -19.90 -19.19
C VAL A 398 -11.28 -20.17 -20.41
N TRP A 399 -12.59 -20.03 -20.20
CA TRP A 399 -13.50 -19.88 -21.34
C TRP A 399 -13.61 -18.41 -21.67
N THR A 400 -13.30 -18.08 -22.90
CA THR A 400 -13.37 -16.68 -23.35
C THR A 400 -14.84 -16.27 -23.36
N LYS A 401 -15.07 -14.99 -23.49
CA LYS A 401 -16.43 -14.46 -23.66
C LYS A 401 -17.10 -15.04 -24.90
N TYR A 402 -16.35 -15.64 -25.82
CA TYR A 402 -16.87 -16.29 -27.06
C TYR A 402 -17.29 -17.73 -26.79
N GLY A 403 -16.90 -18.25 -25.63
CA GLY A 403 -17.21 -19.62 -25.18
C GLY A 403 -16.13 -20.59 -25.63
N GLU A 404 -14.94 -20.12 -25.93
CA GLU A 404 -13.80 -20.96 -26.41
C GLU A 404 -12.85 -21.18 -25.22
N LYS A 405 -12.42 -22.41 -24.96
CA LYS A 405 -11.42 -22.64 -23.89
C LYS A 405 -10.06 -22.25 -24.46
N ARG A 406 -9.33 -21.37 -23.77
CA ARG A 406 -8.01 -20.89 -24.23
C ARG A 406 -7.05 -20.82 -23.07
N VAL A 407 -5.79 -21.02 -23.41
CA VAL A 407 -4.68 -20.85 -22.47
C VAL A 407 -4.45 -19.37 -22.24
N LEU A 408 -4.33 -19.06 -20.96
CA LEU A 408 -4.05 -17.68 -20.53
C LEU A 408 -2.60 -17.33 -20.84
N LYS A 409 -2.38 -16.39 -21.75
CA LYS A 409 -1.06 -16.08 -22.30
C LYS A 409 -1.08 -14.62 -22.68
N PRO A 410 -1.02 -13.73 -21.69
CA PRO A 410 -1.21 -12.30 -21.96
C PRO A 410 -0.06 -11.70 -22.78
N ARG A 411 -0.43 -10.74 -23.61
CA ARG A 411 0.54 -10.04 -24.48
C ARG A 411 1.61 -9.33 -23.64
N TRP A 412 1.20 -8.80 -22.50
CA TRP A 412 2.07 -8.18 -21.48
C TRP A 412 1.92 -9.00 -20.22
N MET A 413 3.04 -9.49 -19.70
CA MET A 413 3.07 -10.36 -18.52
C MET A 413 3.44 -9.47 -17.33
N ASP A 414 2.52 -9.34 -16.41
CA ASP A 414 2.79 -8.72 -15.08
C ASP A 414 2.54 -9.77 -14.00
N ALA A 415 3.59 -10.17 -13.29
CA ALA A 415 3.60 -11.23 -12.25
C ALA A 415 2.56 -10.97 -11.17
N ARG A 416 2.15 -9.73 -10.98
CA ARG A 416 1.17 -9.43 -9.91
C ARG A 416 -0.20 -9.98 -10.26
N VAL A 417 -0.49 -10.28 -11.52
CA VAL A 417 -1.84 -10.84 -11.82
C VAL A 417 -1.92 -12.32 -11.42
N CYS A 418 -0.85 -12.95 -10.97
CA CYS A 418 -0.88 -14.40 -10.68
C CYS A 418 0.05 -14.70 -9.51
N SER A 419 0.28 -13.72 -8.62
CA SER A 419 1.24 -13.86 -7.49
C SER A 419 0.69 -14.83 -6.42
N ASP A 420 -0.63 -15.08 -6.41
CA ASP A 420 -1.26 -16.05 -5.49
C ASP A 420 -2.55 -16.53 -6.15
N HIS A 421 -3.23 -17.50 -5.52
CA HIS A 421 -4.45 -18.14 -6.07
C HIS A 421 -5.48 -17.05 -6.32
N ALA A 422 -5.72 -16.14 -5.35
CA ALA A 422 -6.75 -15.08 -5.43
C ALA A 422 -6.48 -14.17 -6.62
N ALA A 423 -5.23 -13.74 -6.78
CA ALA A 423 -4.85 -12.85 -7.89
C ALA A 423 -5.18 -13.55 -9.20
N LEU A 424 -4.75 -14.80 -9.38
CA LEU A 424 -4.95 -15.51 -10.66
C LEU A 424 -6.47 -15.68 -10.88
N LYS A 425 -7.21 -15.97 -9.82
CA LYS A 425 -8.68 -16.15 -9.99
C LYS A 425 -9.26 -14.86 -10.57
N SER A 426 -8.84 -13.72 -10.03
CA SER A 426 -9.34 -12.39 -10.48
C SER A 426 -8.93 -12.18 -11.93
N PHE A 427 -7.69 -12.48 -12.28
CA PHE A 427 -7.25 -12.26 -13.67
C PHE A 427 -7.96 -13.20 -14.67
N LYS A 428 -8.22 -14.43 -14.26
CA LYS A 428 -9.01 -15.37 -15.10
C LYS A 428 -10.39 -14.78 -15.36
N GLU A 429 -11.01 -14.19 -14.36
CA GLU A 429 -12.36 -13.57 -14.49
C GLU A 429 -12.26 -12.43 -15.49
N PHE A 430 -11.19 -11.65 -15.39
CA PHE A 430 -10.97 -10.51 -16.29
C PHE A 430 -10.82 -11.05 -17.71
N ALA A 431 -9.96 -12.04 -17.89
CA ALA A 431 -9.64 -12.55 -19.25
C ALA A 431 -10.91 -13.13 -19.91
N ALA A 432 -11.82 -13.64 -19.09
CA ALA A 432 -13.10 -14.25 -19.53
C ALA A 432 -14.15 -13.18 -19.86
N GLY A 433 -13.90 -11.91 -19.59
CA GLY A 433 -14.87 -10.85 -19.84
C GLY A 433 -15.87 -10.67 -18.72
N LYS A 434 -15.58 -11.14 -17.52
CA LYS A 434 -16.57 -11.19 -16.42
C LYS A 434 -16.62 -9.89 -15.64
N ARG A 435 -15.74 -8.95 -15.94
CA ARG A 435 -15.91 -7.58 -15.41
C ARG A 435 -15.25 -6.59 -16.36
#